data_4AAW
#
_entry.id   4AAW
#
_cell.length_a   116.779
_cell.length_b   116.779
_cell.length_c   116.683
_cell.angle_alpha   90.00
_cell.angle_beta   90.00
_cell.angle_gamma   120.00
#
_symmetry.space_group_name_H-M   'P 3 2 1'
#
loop_
_entity.id
_entity.type
_entity.pdbx_description
1 polymer 'BIFUNCTIONAL PROTEIN GLMU'
2 non-polymer '4-{[1-(2-{[({5-[(3-carboxypropanoyl)amino]-2,4-dimethoxyphenyl}sulfonyl)amino]methyl}phenyl)piperidin-4-yl]methoxy}-4-oxobutanoic acid'
3 non-polymer 'SULFATE ION'
4 water water
#
_entity_poly.entity_id   1
_entity_poly.type   'polypeptide(L)'
_entity_poly.pdbx_seq_one_letter_code
;MSNFAIILAAGKGTRMKSDLPKVLHKVAGISMLEHVFRSVGAIQPEKTVTVVGHKAELVEEVLAEQTEFVTQSEQLGTGH
AVMMTEPILEGLSGHTLVIAGDTPLITGESLKNLIDFHINHKNVATILTAETDNPFGYGRIVRNDNAEVLRIVEQKDATD
FEKQIKEINTGTYVFDNERLFEALKNINTNNAQGEYYITDVIGIFRETGEKVGAYTLKDFDESLGVNDRVALATAESVMR
RRINHKHMVNGVSFVNPEATYIDIDVEIAPEVQIEANVILKGQTKIGAETVLTNGTYVVDSTIGAGAVITNSMIEESSVA
DGVTVGPYAHIRPNSSLGAQVHIGNFVEVKGSSIGENTKAGHLTYIGNCEVGSNVNFGAGTITVNYDGKNKYKTVIGDNV
FVGSNSTIIAPVELGDNSLVGAGSTITKDVPADAIAIGRGRQINKDEYATRLPHHPKNQ
;
_entity_poly.pdbx_strand_id   A
#
loop_
_chem_comp.id
_chem_comp.type
_chem_comp.name
_chem_comp.formula
R84 non-polymer '4-{[1-(2-{[({5-[(3-carboxypropanoyl)amino]-2,4-dimethoxyphenyl}sulfonyl)amino]methyl}phenyl)piperidin-4-yl]methoxy}-4-oxobutanoic acid' 'C29 H37 N3 O11 S'
SO4 non-polymer 'SULFATE ION' 'O4 S -2'
#
# COMPACT_ATOMS: atom_id res chain seq x y z
N SER A 2 14.09 29.35 4.44
CA SER A 2 12.99 28.72 3.68
C SER A 2 13.59 27.55 2.90
N ASN A 3 12.90 26.41 2.98
CA ASN A 3 13.24 25.22 2.17
C ASN A 3 12.32 25.10 0.98
N PHE A 4 12.88 24.74 -0.14
CA PHE A 4 12.03 24.34 -1.27
C PHE A 4 12.37 22.91 -1.70
N ALA A 5 11.48 22.26 -2.45
CA ALA A 5 11.76 20.93 -2.94
C ALA A 5 11.40 20.87 -4.43
N ILE A 6 12.29 20.27 -5.25
CA ILE A 6 11.94 19.95 -6.63
C ILE A 6 11.90 18.44 -6.81
N ILE A 7 10.83 17.85 -7.35
CA ILE A 7 10.83 16.40 -7.46
C ILE A 7 10.88 16.01 -8.93
N LEU A 8 11.87 15.23 -9.31
CA LEU A 8 11.99 14.89 -10.74
C LEU A 8 11.21 13.57 -11.03
N ALA A 9 10.12 13.70 -11.81
CA ALA A 9 9.17 12.61 -12.09
C ALA A 9 8.79 12.58 -13.57
N ALA A 10 9.79 12.82 -14.40
CA ALA A 10 9.56 13.08 -15.82
C ALA A 10 10.43 12.03 -16.47
N GLY A 11 10.13 10.80 -16.08
CA GLY A 11 11.01 9.70 -16.36
C GLY A 11 10.64 9.10 -17.69
N LYS A 12 11.63 9.03 -18.57
CA LYS A 12 11.56 8.17 -19.75
C LYS A 12 12.70 7.19 -19.62
N GLY A 13 12.37 5.92 -19.79
CA GLY A 13 13.28 4.80 -19.57
C GLY A 13 12.48 3.61 -20.04
N THR A 14 13.03 2.42 -19.97
CA THR A 14 12.50 1.37 -20.80
C THR A 14 12.38 0.02 -20.09
N ARG A 15 13.16 -0.11 -19.01
CA ARG A 15 13.39 -1.37 -18.38
C ARG A 15 12.23 -1.84 -17.48
N MET A 16 11.28 -0.95 -17.12
CA MET A 16 10.05 -1.42 -16.45
C MET A 16 9.16 -2.28 -17.35
N LYS A 17 9.28 -2.10 -18.69
CA LYS A 17 8.33 -2.65 -19.71
C LYS A 17 6.87 -2.43 -19.34
N SER A 18 6.47 -1.19 -19.12
CA SER A 18 5.17 -0.90 -18.54
C SER A 18 4.58 0.31 -19.28
N ASP A 19 3.27 0.34 -19.44
CA ASP A 19 2.60 1.58 -19.90
C ASP A 19 2.53 2.60 -18.77
N LEU A 20 2.46 2.09 -17.52
CA LEU A 20 2.42 2.94 -16.32
C LEU A 20 3.75 3.69 -16.21
N PRO A 21 3.73 5.02 -16.10
CA PRO A 21 4.93 5.76 -15.77
C PRO A 21 5.59 5.25 -14.48
N LYS A 22 6.93 5.15 -14.51
CA LYS A 22 7.77 4.45 -13.51
C LYS A 22 7.49 4.86 -12.08
N VAL A 23 7.46 6.17 -11.84
CA VAL A 23 7.23 6.64 -10.49
C VAL A 23 5.84 6.29 -9.89
N LEU A 24 4.89 5.89 -10.73
CA LEU A 24 3.61 5.54 -10.19
C LEU A 24 3.55 4.03 -9.81
N HIS A 25 4.60 3.28 -10.09
CA HIS A 25 4.62 1.86 -9.64
C HIS A 25 4.61 1.80 -8.14
N LYS A 26 3.81 0.90 -7.56
CA LYS A 26 3.54 0.88 -6.09
C LYS A 26 4.58 0.17 -5.24
N VAL A 27 4.78 0.64 -4.00
CA VAL A 27 5.59 -0.05 -3.01
C VAL A 27 4.78 -0.01 -1.70
N ALA A 28 4.46 -1.18 -1.07
CA ALA A 28 3.64 -1.16 0.14
C ALA A 28 2.37 -0.30 0.04
N GLY A 29 1.73 -0.28 -1.12
CA GLY A 29 0.40 0.20 -1.22
C GLY A 29 0.29 1.59 -1.78
N ILE A 30 1.40 2.32 -1.98
CA ILE A 30 1.36 3.66 -2.58
C ILE A 30 2.50 3.79 -3.63
N SER A 31 2.44 4.80 -4.51
CA SER A 31 3.46 4.94 -5.55
C SER A 31 4.82 5.32 -5.02
N MET A 32 5.89 4.93 -5.73
CA MET A 32 7.19 5.48 -5.35
C MET A 32 7.10 6.97 -5.15
N LEU A 33 6.53 7.63 -6.13
CA LEU A 33 6.55 9.05 -6.11
C LEU A 33 5.93 9.50 -4.81
N GLU A 34 4.90 8.81 -4.32
CA GLU A 34 4.26 9.22 -3.06
C GLU A 34 5.12 9.04 -1.82
N HIS A 35 5.93 7.95 -1.78
CA HIS A 35 6.93 7.76 -0.69
C HIS A 35 7.87 8.93 -0.63
N VAL A 36 8.39 9.32 -1.82
CA VAL A 36 9.29 10.47 -1.93
C VAL A 36 8.65 11.78 -1.46
N PHE A 37 7.48 12.10 -1.95
CA PHE A 37 6.70 13.24 -1.42
C PHE A 37 6.59 13.21 0.13
N ARG A 38 6.34 12.04 0.72
CA ARG A 38 6.27 11.99 2.19
C ARG A 38 7.61 12.23 2.82
N SER A 39 8.72 11.76 2.25
CA SER A 39 10.01 12.12 2.88
C SER A 39 10.29 13.62 2.70
N VAL A 40 9.96 14.12 1.52
CA VAL A 40 10.19 15.52 1.23
C VAL A 40 9.45 16.34 2.26
N GLY A 41 8.26 15.91 2.69
CA GLY A 41 7.48 16.67 3.72
C GLY A 41 8.22 16.90 5.03
N ALA A 42 9.16 16.04 5.41
CA ALA A 42 9.96 16.30 6.62
C ALA A 42 10.78 17.60 6.66
N ILE A 43 11.08 18.20 5.51
CA ILE A 43 11.86 19.45 5.49
C ILE A 43 10.94 20.66 5.54
N GLN A 44 9.65 20.41 5.61
CA GLN A 44 8.64 21.46 5.63
C GLN A 44 8.89 22.47 4.53
N PRO A 45 8.78 22.05 3.26
CA PRO A 45 9.08 23.00 2.18
C PRO A 45 8.00 24.03 2.07
N GLU A 46 8.38 25.24 1.70
CA GLU A 46 7.41 26.26 1.37
C GLU A 46 6.80 26.01 0.00
N LYS A 47 7.55 25.41 -0.92
CA LYS A 47 7.06 25.03 -2.27
C LYS A 47 7.65 23.69 -2.63
N THR A 48 6.83 22.87 -3.28
CA THR A 48 7.20 21.61 -3.78
C THR A 48 6.76 21.71 -5.26
N VAL A 49 7.71 21.52 -6.20
CA VAL A 49 7.38 21.51 -7.58
C VAL A 49 7.75 20.16 -8.08
N THR A 50 6.79 19.52 -8.70
CA THR A 50 7.09 18.22 -9.26
C THR A 50 7.22 18.40 -10.76
N VAL A 51 8.32 17.92 -11.33
CA VAL A 51 8.50 17.97 -12.79
C VAL A 51 7.95 16.71 -13.50
N VAL A 52 6.89 16.90 -14.28
CA VAL A 52 6.20 15.79 -15.01
C VAL A 52 6.55 15.83 -16.49
N GLY A 53 6.38 14.72 -17.17
CA GLY A 53 6.81 14.67 -18.58
C GLY A 53 5.92 13.72 -19.30
N HIS A 54 6.28 12.44 -19.23
CA HIS A 54 5.53 11.31 -19.79
C HIS A 54 4.27 11.00 -18.97
N LYS A 55 3.13 10.94 -19.68
CA LYS A 55 1.84 10.67 -19.03
C LYS A 55 1.62 11.56 -17.82
N ALA A 56 1.85 12.85 -18.02
CA ALA A 56 1.77 13.81 -16.97
C ALA A 56 0.47 13.71 -16.19
N GLU A 57 -0.66 13.48 -16.86
CA GLU A 57 -1.96 13.58 -16.14
C GLU A 57 -2.20 12.47 -15.12
N LEU A 58 -1.68 11.29 -15.40
CA LEU A 58 -1.75 10.19 -14.40
C LEU A 58 -0.98 10.62 -13.16
N VAL A 59 0.21 11.17 -13.40
CA VAL A 59 1.02 11.63 -12.31
C VAL A 59 0.28 12.75 -11.58
N GLU A 60 -0.31 13.66 -12.33
CA GLU A 60 -0.99 14.79 -11.70
C GLU A 60 -2.21 14.39 -10.86
N GLU A 61 -2.90 13.32 -11.28
CA GLU A 61 -3.96 12.77 -10.46
C GLU A 61 -3.43 12.31 -9.10
N VAL A 62 -2.37 11.52 -9.10
CA VAL A 62 -1.80 11.09 -7.85
C VAL A 62 -1.37 12.19 -6.87
N LEU A 63 -0.73 13.25 -7.33
CA LEU A 63 -0.35 14.30 -6.37
C LEU A 63 -1.30 15.52 -6.31
N ALA A 64 -2.34 15.53 -7.15
CA ALA A 64 -3.38 16.57 -7.12
C ALA A 64 -3.50 17.21 -5.74
N GLU A 65 -3.29 18.52 -5.72
CA GLU A 65 -3.43 19.39 -4.54
C GLU A 65 -2.34 19.26 -3.47
N GLN A 66 -1.26 18.57 -3.81
CA GLN A 66 -0.17 18.37 -2.87
C GLN A 66 1.11 19.09 -3.29
N THR A 67 1.21 19.41 -4.58
CA THR A 67 2.43 19.91 -5.23
C THR A 67 2.09 20.80 -6.47
N GLU A 68 2.92 21.78 -6.81
CA GLU A 68 2.80 22.49 -8.08
C GLU A 68 3.45 21.57 -9.11
N PHE A 69 2.97 21.66 -10.33
CA PHE A 69 3.49 20.87 -11.44
C PHE A 69 4.09 21.77 -12.49
N VAL A 70 5.13 21.26 -13.17
CA VAL A 70 5.68 21.83 -14.39
C VAL A 70 6.01 20.70 -15.28
N THR A 71 6.06 21.00 -16.56
CA THR A 71 6.13 19.96 -17.54
C THR A 71 7.42 20.12 -18.31
N GLN A 72 8.14 19.06 -18.50
CA GLN A 72 9.20 19.11 -19.42
C GLN A 72 8.74 18.35 -20.66
N SER A 73 8.53 19.06 -21.76
CA SER A 73 8.03 18.45 -23.01
C SER A 73 8.96 17.40 -23.63
N GLU A 74 10.25 17.44 -23.34
CA GLU A 74 11.11 16.34 -23.78
C GLU A 74 12.37 16.14 -22.95
N GLN A 75 12.93 14.94 -23.05
CA GLN A 75 14.19 14.56 -22.39
C GLN A 75 15.32 15.40 -22.86
N LEU A 76 15.98 16.08 -21.94
CA LEU A 76 17.12 16.90 -22.25
C LEU A 76 18.02 17.03 -21.05
N GLY A 77 17.88 16.10 -20.12
CA GLY A 77 18.76 16.07 -18.94
C GLY A 77 18.06 16.48 -17.62
N THR A 78 18.72 16.19 -16.50
CA THR A 78 18.25 16.63 -15.20
C THR A 78 18.36 18.14 -15.10
N GLY A 79 19.29 18.76 -15.86
CA GLY A 79 19.50 20.19 -15.83
C GLY A 79 18.27 20.86 -16.41
N HIS A 80 17.83 20.40 -17.56
CA HIS A 80 16.67 20.97 -18.19
C HIS A 80 15.47 20.78 -17.28
N ALA A 81 15.34 19.60 -16.66
CA ALA A 81 14.20 19.30 -15.83
C ALA A 81 14.11 20.30 -14.68
N VAL A 82 15.22 20.57 -14.03
CA VAL A 82 15.28 21.62 -13.02
C VAL A 82 14.94 22.97 -13.57
N MET A 83 15.39 23.25 -14.79
CA MET A 83 15.17 24.53 -15.39
C MET A 83 13.68 24.81 -15.66
N MET A 84 12.88 23.75 -15.81
CA MET A 84 11.44 23.94 -15.92
C MET A 84 10.79 24.52 -14.64
N THR A 85 11.51 24.54 -13.53
CA THR A 85 10.90 24.97 -12.29
C THR A 85 11.32 26.44 -12.06
N GLU A 86 12.22 26.93 -12.91
CA GLU A 86 12.77 28.27 -12.78
C GLU A 86 11.65 29.36 -12.68
N PRO A 87 10.61 29.29 -13.51
CA PRO A 87 9.63 30.38 -13.36
C PRO A 87 8.93 30.34 -11.97
N ILE A 88 8.91 29.20 -11.29
CA ILE A 88 8.33 29.17 -9.98
C ILE A 88 9.38 29.60 -8.97
N LEU A 89 10.60 29.08 -9.09
CA LEU A 89 11.59 29.30 -8.02
C LEU A 89 12.63 30.36 -8.18
N GLU A 90 12.73 30.96 -9.36
CA GLU A 90 13.84 31.87 -9.68
C GLU A 90 13.91 33.04 -8.72
N GLY A 91 15.08 33.26 -8.15
CA GLY A 91 15.30 34.44 -7.31
C GLY A 91 14.88 34.29 -5.86
N LEU A 92 14.09 33.27 -5.49
CA LEU A 92 13.68 33.15 -4.09
C LEU A 92 14.89 32.77 -3.28
N SER A 93 14.92 33.21 -2.04
CA SER A 93 16.05 32.99 -1.20
C SER A 93 15.76 31.78 -0.32
N GLY A 94 16.67 30.80 -0.25
CA GLY A 94 16.38 29.56 0.51
C GLY A 94 17.24 28.39 0.06
N HIS A 95 16.89 27.19 0.49
CA HIS A 95 17.67 25.99 0.23
C HIS A 95 16.76 25.05 -0.49
N THR A 96 17.16 24.61 -1.68
CA THR A 96 16.29 23.80 -2.51
C THR A 96 16.79 22.34 -2.64
N LEU A 97 15.94 21.39 -2.26
CA LEU A 97 16.24 19.98 -2.41
C LEU A 97 15.80 19.59 -3.85
N VAL A 98 16.71 18.97 -4.57
CA VAL A 98 16.40 18.31 -5.80
C VAL A 98 16.43 16.79 -5.59
N ILE A 99 15.33 16.10 -5.85
CA ILE A 99 15.26 14.64 -5.52
C ILE A 99 14.45 13.99 -6.63
N ALA A 100 14.78 12.75 -6.94
CA ALA A 100 14.09 12.00 -8.02
C ALA A 100 12.85 11.31 -7.43
N GLY A 101 11.78 11.20 -8.21
CA GLY A 101 10.62 10.44 -7.71
C GLY A 101 10.79 8.92 -7.73
N ASP A 102 11.96 8.42 -8.16
CA ASP A 102 12.20 7.00 -8.19
C ASP A 102 13.21 6.51 -7.13
N THR A 103 13.40 7.26 -6.02
CA THR A 103 14.23 6.78 -4.93
C THR A 103 13.31 6.73 -3.70
N PRO A 104 12.39 5.76 -3.65
CA PRO A 104 11.30 5.79 -2.69
C PRO A 104 11.78 5.40 -1.27
N LEU A 105 13.05 5.09 -1.06
CA LEU A 105 13.47 4.62 0.28
C LEU A 105 14.20 5.69 1.13
N ILE A 106 14.55 6.82 0.51
CA ILE A 106 15.14 7.91 1.24
C ILE A 106 14.18 8.31 2.34
N THR A 107 14.66 8.44 3.54
CA THR A 107 13.72 8.79 4.63
C THR A 107 13.63 10.28 4.85
N GLY A 108 12.48 10.73 5.35
CA GLY A 108 12.37 12.05 5.92
C GLY A 108 13.50 12.43 6.87
N GLU A 109 13.94 11.48 7.68
CA GLU A 109 14.92 11.80 8.69
C GLU A 109 16.25 12.03 7.97
N SER A 110 16.60 11.20 7.00
CA SER A 110 17.79 11.52 6.18
C SER A 110 17.74 12.89 5.47
N LEU A 111 16.57 13.31 4.98
CA LEU A 111 16.52 14.55 4.23
C LEU A 111 16.72 15.76 5.19
N LYS A 112 16.04 15.72 6.33
CA LYS A 112 16.30 16.67 7.43
C LYS A 112 17.77 16.65 7.76
N ASN A 113 18.41 15.50 7.91
CA ASN A 113 19.85 15.57 8.28
C ASN A 113 20.65 16.27 7.15
N LEU A 114 20.26 16.03 5.91
CA LEU A 114 20.94 16.61 4.73
C LEU A 114 20.81 18.17 4.67
N ILE A 115 19.61 18.68 4.90
CA ILE A 115 19.33 20.11 4.95
C ILE A 115 20.04 20.76 6.15
N ASP A 116 20.01 20.09 7.29
CA ASP A 116 20.81 20.57 8.46
C ASP A 116 22.28 20.63 8.17
N PHE A 117 22.87 19.58 7.62
CA PHE A 117 24.31 19.64 7.25
C PHE A 117 24.59 20.83 6.31
N HIS A 118 23.74 21.00 5.28
CA HIS A 118 23.90 22.05 4.30
C HIS A 118 23.98 23.48 4.86
N ILE A 119 22.99 23.80 5.72
CA ILE A 119 22.86 25.06 6.41
C ILE A 119 24.01 25.26 7.42
N ASN A 120 24.24 24.29 8.28
CA ASN A 120 25.34 24.40 9.21
C ASN A 120 26.72 24.57 8.61
N HIS A 121 26.98 24.03 7.43
CA HIS A 121 28.36 24.10 6.90
C HIS A 121 28.49 25.18 5.86
N LYS A 122 27.40 25.93 5.69
CA LYS A 122 27.27 27.04 4.73
C LYS A 122 27.72 26.61 3.32
N ASN A 123 27.29 25.42 2.92
CA ASN A 123 27.56 24.93 1.61
C ASN A 123 26.73 25.76 0.67
N VAL A 124 27.18 25.84 -0.57
CA VAL A 124 26.32 26.37 -1.60
C VAL A 124 25.54 25.23 -2.26
N ALA A 125 26.16 24.04 -2.38
CA ALA A 125 25.54 22.79 -2.82
C ALA A 125 25.97 21.71 -1.81
N THR A 126 25.09 20.76 -1.52
CA THR A 126 25.44 19.52 -0.78
C THR A 126 24.89 18.36 -1.56
N ILE A 127 25.77 17.43 -1.87
CA ILE A 127 25.39 16.23 -2.54
C ILE A 127 25.04 15.18 -1.45
N LEU A 128 23.90 14.51 -1.59
CA LEU A 128 23.60 13.38 -0.73
C LEU A 128 24.41 12.22 -1.29
N THR A 129 25.35 11.71 -0.53
CA THR A 129 26.17 10.57 -1.00
C THR A 129 25.88 9.25 -0.20
N ALA A 130 26.45 8.15 -0.66
CA ALA A 130 26.37 6.91 0.08
C ALA A 130 27.62 6.08 -0.22
N GLU A 131 27.92 5.11 0.65
CA GLU A 131 29.14 4.31 0.47
C GLU A 131 28.86 2.86 0.12
N THR A 132 29.44 2.42 -0.98
CA THR A 132 29.29 1.04 -1.35
C THR A 132 30.63 0.41 -1.78
N ASP A 133 30.78 -0.88 -1.49
CA ASP A 133 31.95 -1.64 -1.88
C ASP A 133 31.92 -2.01 -3.36
N ASN A 134 30.75 -1.90 -4.01
CA ASN A 134 30.67 -2.04 -5.47
C ASN A 134 30.17 -0.79 -6.21
N PRO A 135 31.05 0.24 -6.32
CA PRO A 135 30.63 1.50 -6.96
C PRO A 135 30.58 1.50 -8.50
N PHE A 136 30.64 0.36 -9.17
CA PHE A 136 30.63 0.40 -10.60
C PHE A 136 29.39 1.13 -11.13
N GLY A 137 29.60 2.04 -12.09
CA GLY A 137 28.47 2.71 -12.74
C GLY A 137 28.04 4.03 -12.09
N TYR A 138 28.40 4.23 -10.82
CA TYR A 138 28.04 5.44 -10.09
C TYR A 138 29.06 6.52 -10.35
N GLY A 139 28.62 7.77 -10.28
CA GLY A 139 29.56 8.89 -10.26
C GLY A 139 30.20 8.87 -8.88
N ARG A 140 31.49 9.18 -8.82
CA ARG A 140 32.28 9.12 -7.58
C ARG A 140 32.49 10.51 -6.98
N ILE A 141 32.53 10.58 -5.66
CA ILE A 141 32.78 11.84 -4.98
C ILE A 141 34.26 11.96 -4.71
N VAL A 142 34.90 12.96 -5.31
CA VAL A 142 36.32 13.20 -5.08
C VAL A 142 36.35 14.36 -4.11
N ARG A 143 36.89 14.08 -2.94
CA ARG A 143 37.10 15.11 -1.95
C ARG A 143 38.60 15.47 -1.88
N ASN A 144 38.91 16.70 -1.51
CA ASN A 144 40.28 17.01 -1.10
C ASN A 144 40.37 16.67 0.39
N ASP A 145 41.46 17.05 1.07
CA ASP A 145 41.66 16.62 2.46
C ASP A 145 40.89 17.37 3.55
N ASN A 146 40.11 18.38 3.16
CA ASN A 146 39.57 19.33 4.17
C ASN A 146 38.16 19.13 4.79
N ALA A 147 37.20 18.38 4.20
CA ALA A 147 37.30 17.52 3.02
C ALA A 147 36.15 17.84 2.02
N GLU A 148 36.21 19.02 1.44
CA GLU A 148 35.20 19.51 0.53
C GLU A 148 35.10 18.67 -0.74
N VAL A 149 33.98 18.81 -1.46
CA VAL A 149 33.82 18.04 -2.68
C VAL A 149 34.61 18.79 -3.73
N LEU A 150 35.39 18.08 -4.53
CA LEU A 150 36.13 18.73 -5.60
C LEU A 150 35.32 18.50 -6.83
N ARG A 151 34.85 17.28 -7.00
CA ARG A 151 34.05 16.95 -8.16
C ARG A 151 33.35 15.58 -8.09
N ILE A 152 32.53 15.34 -9.12
CA ILE A 152 31.77 14.16 -9.23
C ILE A 152 32.29 13.57 -10.51
N VAL A 153 32.80 12.33 -10.45
CA VAL A 153 33.39 11.70 -11.64
C VAL A 153 32.62 10.46 -12.07
N GLU A 154 32.09 10.56 -13.29
CA GLU A 154 31.33 9.49 -13.93
C GLU A 154 32.25 8.33 -14.34
N GLN A 155 31.68 7.13 -14.25
CA GLN A 155 32.32 5.88 -14.66
C GLN A 155 33.11 6.05 -15.95
N LYS A 156 32.42 6.47 -17.02
CA LYS A 156 32.97 6.60 -18.37
C LYS A 156 34.07 7.66 -18.52
N ASP A 157 34.32 8.44 -17.46
CA ASP A 157 35.35 9.48 -17.50
C ASP A 157 36.33 9.26 -16.37
N ALA A 158 36.18 8.14 -15.66
CA ALA A 158 36.96 7.94 -14.42
C ALA A 158 38.36 7.38 -14.66
N THR A 159 39.35 7.95 -13.94
CA THR A 159 40.67 7.31 -13.82
C THR A 159 40.56 6.02 -12.97
N ASP A 160 41.61 5.22 -13.01
CA ASP A 160 41.60 3.95 -12.30
C ASP A 160 41.74 4.11 -10.77
N PHE A 161 42.51 5.10 -10.30
CA PHE A 161 42.53 5.42 -8.87
C PHE A 161 41.13 5.88 -8.42
N GLU A 162 40.43 6.58 -9.33
CA GLU A 162 39.09 7.16 -9.05
C GLU A 162 38.04 6.10 -9.00
N LYS A 163 38.20 5.08 -9.85
CA LYS A 163 37.30 3.96 -9.85
C LYS A 163 37.25 3.27 -8.51
N GLN A 164 38.28 3.42 -7.68
CA GLN A 164 38.26 2.79 -6.33
C GLN A 164 37.62 3.66 -5.23
N ILE A 165 37.07 4.82 -5.57
CA ILE A 165 36.34 5.60 -4.59
C ILE A 165 35.03 4.86 -4.27
N LYS A 166 34.72 4.75 -2.97
CA LYS A 166 33.51 4.05 -2.53
C LYS A 166 32.30 4.99 -2.27
N GLU A 167 32.57 6.29 -2.31
CA GLU A 167 31.60 7.32 -2.04
C GLU A 167 31.01 7.74 -3.35
N ILE A 168 29.70 7.60 -3.48
CA ILE A 168 29.07 7.74 -4.77
C ILE A 168 27.95 8.76 -4.61
N ASN A 169 27.51 9.26 -5.76
CA ASN A 169 26.45 10.26 -5.90
C ASN A 169 25.07 9.62 -5.94
N THR A 170 24.25 9.86 -4.93
CA THR A 170 22.86 9.38 -4.98
C THR A 170 21.96 10.17 -5.94
N GLY A 171 22.39 11.32 -6.44
CA GLY A 171 21.56 12.06 -7.40
C GLY A 171 20.51 12.91 -6.70
N THR A 172 20.71 13.14 -5.39
CA THR A 172 19.88 13.98 -4.57
C THR A 172 20.78 15.08 -4.04
N TYR A 173 20.30 16.31 -4.01
CA TYR A 173 21.12 17.50 -3.70
C TYR A 173 20.30 18.56 -2.95
N VAL A 174 20.98 19.35 -2.10
CA VAL A 174 20.46 20.63 -1.63
C VAL A 174 21.31 21.78 -2.19
N PHE A 175 20.68 22.82 -2.70
CA PHE A 175 21.36 23.98 -3.31
C PHE A 175 20.87 25.27 -2.63
N ASP A 176 21.75 26.27 -2.46
CA ASP A 176 21.28 27.63 -2.24
C ASP A 176 20.45 27.94 -3.49
N ASN A 177 19.18 28.25 -3.30
CA ASN A 177 18.24 28.46 -4.41
C ASN A 177 18.59 29.50 -5.46
N GLU A 178 18.96 30.71 -5.04
CA GLU A 178 19.29 31.82 -5.95
C GLU A 178 20.46 31.45 -6.79
N ARG A 179 21.49 30.87 -6.18
CA ARG A 179 22.64 30.42 -6.93
C ARG A 179 22.37 29.28 -7.85
N LEU A 180 21.43 28.38 -7.45
CA LEU A 180 21.12 27.23 -8.31
C LEU A 180 20.68 27.75 -9.66
N PHE A 181 19.73 28.69 -9.64
CA PHE A 181 19.16 29.15 -10.91
C PHE A 181 20.14 30.02 -11.75
N GLU A 182 20.89 30.92 -11.11
CA GLU A 182 21.94 31.66 -11.84
C GLU A 182 22.89 30.65 -12.51
N ALA A 183 23.36 29.62 -11.77
CA ALA A 183 24.29 28.71 -12.37
C ALA A 183 23.63 27.96 -13.53
N LEU A 184 22.38 27.55 -13.38
CA LEU A 184 21.74 26.78 -14.44
C LEU A 184 21.62 27.59 -15.74
N LYS A 185 21.39 28.89 -15.60
CA LYS A 185 21.18 29.75 -16.76
C LYS A 185 22.47 29.95 -17.47
N ASN A 186 23.55 30.05 -16.71
CA ASN A 186 24.88 30.04 -17.27
C ASN A 186 25.14 28.77 -18.09
N ILE A 187 24.98 27.61 -17.47
CA ILE A 187 25.08 26.36 -18.19
C ILE A 187 24.12 26.28 -19.39
N ASN A 188 22.93 26.85 -19.27
CA ASN A 188 21.91 26.78 -20.31
C ASN A 188 22.30 27.53 -21.57
N THR A 189 22.64 28.81 -21.39
CA THR A 189 23.11 29.66 -22.48
C THR A 189 24.49 29.22 -23.09
N ASN A 190 25.25 28.40 -22.34
CA ASN A 190 26.50 27.81 -22.84
C ASN A 190 26.35 26.40 -23.37
N ASN A 191 25.17 26.09 -23.94
CA ASN A 191 24.86 24.72 -24.36
C ASN A 191 23.60 24.66 -25.26
N GLU A 195 21.22 18.51 -24.24
CA GLU A 195 21.25 17.82 -22.94
C GLU A 195 22.22 18.49 -21.96
N TYR A 196 21.70 18.96 -20.82
CA TYR A 196 22.56 19.44 -19.70
C TYR A 196 22.14 18.83 -18.34
N TYR A 197 23.06 18.83 -17.38
CA TYR A 197 22.94 18.04 -16.16
C TYR A 197 22.99 18.86 -14.92
N ILE A 198 22.31 18.38 -13.88
CA ILE A 198 22.30 19.12 -12.65
C ILE A 198 23.72 19.04 -12.08
N THR A 199 24.44 17.95 -12.36
CA THR A 199 25.85 17.83 -11.95
C THR A 199 26.73 18.95 -12.52
N ASP A 200 26.37 19.49 -13.68
CA ASP A 200 27.12 20.69 -14.26
C ASP A 200 27.21 21.88 -13.32
N VAL A 201 26.19 22.06 -12.50
CA VAL A 201 26.14 23.15 -11.52
C VAL A 201 27.26 23.00 -10.45
N ILE A 202 27.64 21.76 -10.13
CA ILE A 202 28.76 21.50 -9.20
C ILE A 202 30.04 22.06 -9.83
N GLY A 203 30.21 21.82 -11.14
CA GLY A 203 31.31 22.39 -11.95
C GLY A 203 31.42 23.92 -11.91
N ILE A 204 30.32 24.61 -12.26
CA ILE A 204 30.22 26.04 -12.06
C ILE A 204 30.64 26.49 -10.66
N PHE A 205 30.11 25.89 -9.60
CA PHE A 205 30.49 26.31 -8.25
C PHE A 205 31.97 26.05 -7.92
N ARG A 206 32.56 24.99 -8.47
CA ARG A 206 33.98 24.80 -8.20
C ARG A 206 34.76 25.90 -8.97
N GLU A 207 34.36 26.23 -10.21
CA GLU A 207 34.94 27.40 -10.93
C GLU A 207 34.93 28.72 -10.16
N THR A 208 33.87 29.00 -9.42
CA THR A 208 33.78 30.22 -8.60
C THR A 208 34.29 29.94 -7.16
N GLY A 209 34.88 28.76 -6.96
CA GLY A 209 35.28 28.29 -5.62
C GLY A 209 34.20 28.67 -4.60
N GLU A 210 32.96 28.31 -4.88
CA GLU A 210 31.90 28.26 -3.87
C GLU A 210 31.89 26.84 -3.24
N LYS A 211 31.48 26.78 -1.96
CA LYS A 211 31.63 25.59 -1.09
C LYS A 211 30.61 24.49 -1.46
N VAL A 212 31.12 23.37 -1.98
CA VAL A 212 30.32 22.20 -2.26
C VAL A 212 30.59 21.05 -1.23
N GLY A 213 29.59 20.73 -0.39
CA GLY A 213 29.72 19.66 0.61
C GLY A 213 29.10 18.32 0.20
N ALA A 214 29.09 17.36 1.11
CA ALA A 214 28.59 16.01 0.82
C ALA A 214 28.14 15.43 2.15
N TYR A 215 26.90 14.95 2.21
CA TYR A 215 26.36 14.35 3.40
C TYR A 215 26.12 12.89 3.02
N THR A 216 26.70 12.01 3.84
CA THR A 216 26.73 10.59 3.56
C THR A 216 25.63 9.81 4.30
N LEU A 217 24.70 9.24 3.56
CA LEU A 217 23.71 8.30 4.10
C LEU A 217 24.39 7.24 4.91
N LYS A 218 23.86 7.01 6.09
CA LYS A 218 24.38 5.90 6.89
C LYS A 218 24.02 4.54 6.24
N ASP A 219 22.81 4.40 5.70
CA ASP A 219 22.41 3.15 5.08
C ASP A 219 22.31 3.28 3.59
N PHE A 220 23.20 2.61 2.90
CA PHE A 220 23.24 2.65 1.45
C PHE A 220 21.98 2.18 0.71
N ASP A 221 21.25 1.22 1.29
CA ASP A 221 20.02 0.73 0.64
C ASP A 221 19.04 1.85 0.50
N GLU A 222 19.08 2.86 1.39
CA GLU A 222 18.17 3.97 1.27
C GLU A 222 18.37 4.67 -0.08
N SER A 223 19.53 4.50 -0.73
CA SER A 223 19.80 5.31 -1.92
C SER A 223 19.28 4.64 -3.20
N LEU A 224 18.64 3.49 -3.12
CA LEU A 224 18.18 2.74 -4.28
C LEU A 224 17.38 3.55 -5.29
N GLY A 225 17.86 3.66 -6.51
CA GLY A 225 17.04 4.18 -7.60
C GLY A 225 16.38 3.03 -8.34
N VAL A 226 15.07 3.08 -8.41
CA VAL A 226 14.35 2.01 -9.05
C VAL A 226 14.23 2.20 -10.59
N ASN A 227 14.94 1.36 -11.34
CA ASN A 227 14.82 1.36 -12.84
C ASN A 227 14.15 0.14 -13.47
N ASP A 228 13.92 -0.89 -12.69
CA ASP A 228 13.25 -2.00 -13.25
C ASP A 228 12.52 -2.73 -12.16
N ARG A 229 11.88 -3.86 -12.49
CA ARG A 229 11.09 -4.56 -11.49
C ARG A 229 11.93 -5.28 -10.48
N VAL A 230 13.19 -5.55 -10.79
CA VAL A 230 13.99 -6.27 -9.82
C VAL A 230 14.24 -5.23 -8.66
N ALA A 231 14.59 -3.99 -9.01
CA ALA A 231 14.74 -2.96 -7.98
C ALA A 231 13.42 -2.61 -7.30
N LEU A 232 12.32 -2.67 -8.01
CA LEU A 232 11.12 -2.36 -7.36
C LEU A 232 10.91 -3.42 -6.25
N ALA A 233 11.28 -4.69 -6.50
CA ALA A 233 10.95 -5.75 -5.49
C ALA A 233 11.91 -5.58 -4.29
N THR A 234 13.12 -5.11 -4.61
CA THR A 234 14.08 -4.73 -3.60
C THR A 234 13.49 -3.62 -2.75
N ALA A 235 12.94 -2.59 -3.37
CA ALA A 235 12.34 -1.50 -2.58
C ALA A 235 11.23 -2.08 -1.65
N GLU A 236 10.38 -2.88 -2.26
CA GLU A 236 9.30 -3.54 -1.52
C GLU A 236 9.76 -4.30 -0.24
N SER A 237 10.84 -5.07 -0.34
CA SER A 237 11.46 -5.79 0.76
C SER A 237 11.97 -4.88 1.89
N VAL A 238 12.60 -3.80 1.48
CA VAL A 238 13.21 -2.80 2.35
C VAL A 238 12.06 -2.13 3.12
N MET A 239 11.03 -1.65 2.39
CA MET A 239 9.86 -0.99 2.99
C MET A 239 9.02 -1.88 3.92
N ARG A 240 8.91 -3.18 3.60
CA ARG A 240 8.26 -4.19 4.34
C ARG A 240 8.96 -4.42 5.67
N ARG A 241 10.28 -4.46 5.64
CA ARG A 241 10.99 -4.64 6.91
C ARG A 241 10.80 -3.37 7.78
N ARG A 242 10.79 -2.19 7.13
CA ARG A 242 10.62 -0.93 7.80
C ARG A 242 9.24 -0.85 8.51
N ILE A 243 8.18 -1.09 7.78
CA ILE A 243 6.85 -0.97 8.29
C ILE A 243 6.70 -2.09 9.34
N ASN A 244 7.11 -3.32 9.05
CA ASN A 244 6.94 -4.36 10.07
C ASN A 244 7.77 -4.09 11.40
N HIS A 245 8.90 -3.46 11.27
CA HIS A 245 9.72 -3.05 12.40
C HIS A 245 8.97 -2.10 13.27
N LYS A 246 8.37 -1.11 12.64
CA LYS A 246 7.52 -0.13 13.40
C LYS A 246 6.41 -0.86 14.15
N HIS A 247 5.70 -1.74 13.47
CA HIS A 247 4.64 -2.53 14.09
C HIS A 247 5.20 -3.31 15.28
N MET A 248 6.36 -3.92 15.12
CA MET A 248 6.85 -4.74 16.24
C MET A 248 7.27 -3.89 17.46
N VAL A 249 8.03 -2.86 17.22
CA VAL A 249 8.40 -1.86 18.23
C VAL A 249 7.10 -1.41 19.03
N ASN A 250 5.94 -1.31 18.35
CA ASN A 250 4.71 -0.88 18.99
C ASN A 250 3.95 -1.98 19.63
N GLY A 251 4.47 -3.18 19.65
CA GLY A 251 3.79 -4.20 20.41
C GLY A 251 3.04 -5.21 19.59
N VAL A 252 3.29 -5.27 18.25
CA VAL A 252 2.68 -6.32 17.39
C VAL A 252 3.68 -7.53 17.24
N SER A 253 3.31 -8.79 17.68
CA SER A 253 4.06 -10.03 17.37
C SER A 253 3.95 -10.52 15.89
N PHE A 254 5.09 -10.89 15.28
CA PHE A 254 5.11 -11.32 13.84
C PHE A 254 5.80 -12.71 13.90
N VAL A 255 5.14 -13.80 13.62
CA VAL A 255 5.86 -15.04 13.28
C VAL A 255 6.96 -14.84 12.25
N ASN A 256 6.74 -14.01 11.21
CA ASN A 256 7.81 -13.75 10.21
C ASN A 256 7.63 -12.42 9.57
N PRO A 257 8.21 -11.41 10.19
CA PRO A 257 8.03 -10.09 9.61
C PRO A 257 8.68 -9.96 8.18
N GLU A 258 9.57 -10.89 7.81
CA GLU A 258 10.20 -10.87 6.45
C GLU A 258 9.25 -11.38 5.33
N ALA A 259 8.12 -11.96 5.73
CA ALA A 259 7.18 -12.51 4.79
C ALA A 259 5.74 -12.19 5.21
N THR A 260 5.44 -10.96 5.65
CA THR A 260 4.09 -10.53 6.08
C THR A 260 3.95 -9.19 5.35
N TYR A 261 2.79 -8.92 4.73
CA TYR A 261 2.60 -7.85 3.70
C TYR A 261 1.61 -6.76 4.17
N ILE A 262 2.17 -5.76 4.80
CA ILE A 262 1.31 -4.69 5.42
C ILE A 262 1.58 -3.35 4.74
N ASP A 263 0.59 -2.77 4.11
CA ASP A 263 0.74 -1.48 3.48
C ASP A 263 1.12 -0.38 4.41
N ILE A 264 1.66 0.72 3.83
CA ILE A 264 2.19 1.84 4.56
C ILE A 264 1.22 2.55 5.51
N ASP A 265 -0.08 2.62 5.19
CA ASP A 265 -0.99 3.27 6.12
C ASP A 265 -1.86 2.35 6.99
N VAL A 266 -1.66 1.03 6.92
CA VAL A 266 -2.34 0.18 7.85
C VAL A 266 -1.97 0.52 9.31
N GLU A 267 -2.96 0.53 10.22
CA GLU A 267 -2.78 0.76 11.68
C GLU A 267 -3.08 -0.47 12.50
N ILE A 268 -2.24 -0.73 13.51
CA ILE A 268 -2.33 -1.96 14.19
C ILE A 268 -2.05 -1.66 15.69
N ALA A 269 -3.03 -1.99 16.51
CA ALA A 269 -2.96 -1.76 17.93
C ALA A 269 -1.95 -2.74 18.61
N PRO A 270 -1.40 -2.33 19.75
CA PRO A 270 -0.52 -3.25 20.50
C PRO A 270 -1.20 -4.59 20.84
N GLU A 271 -0.38 -5.65 21.01
CA GLU A 271 -0.80 -6.96 21.43
C GLU A 271 -1.43 -7.83 20.31
N VAL A 272 -1.53 -7.28 19.10
CA VAL A 272 -1.92 -8.04 17.91
C VAL A 272 -0.83 -9.17 17.61
N GLN A 273 -1.36 -10.29 17.14
CA GLN A 273 -0.54 -11.40 16.79
C GLN A 273 -0.79 -11.76 15.34
N ILE A 274 0.30 -11.72 14.54
CA ILE A 274 0.19 -11.84 13.10
C ILE A 274 1.09 -13.01 12.69
N GLU A 275 0.49 -14.02 12.02
CA GLU A 275 1.25 -15.15 11.57
C GLU A 275 1.89 -14.74 10.26
N ALA A 276 2.74 -15.59 9.70
CA ALA A 276 3.42 -15.24 8.52
C ALA A 276 2.40 -15.11 7.34
N ASN A 277 2.81 -14.59 6.21
CA ASN A 277 1.94 -14.61 5.09
C ASN A 277 0.53 -14.01 5.26
N VAL A 278 0.42 -13.00 6.14
CA VAL A 278 -0.79 -12.23 6.24
C VAL A 278 -0.62 -10.95 5.39
N ILE A 279 -1.74 -10.48 4.85
CA ILE A 279 -1.82 -9.35 3.97
C ILE A 279 -2.83 -8.32 4.52
N LEU A 280 -2.35 -7.10 4.85
CA LEU A 280 -3.20 -5.98 5.20
C LEU A 280 -2.95 -4.84 4.22
N LYS A 281 -4.02 -4.34 3.60
CA LYS A 281 -3.92 -3.38 2.47
C LYS A 281 -4.86 -2.20 2.69
N GLY A 282 -4.39 -1.03 2.27
CA GLY A 282 -5.28 0.14 2.18
C GLY A 282 -5.47 0.68 3.56
N GLN A 283 -6.65 1.25 3.83
CA GLN A 283 -6.94 1.90 5.14
C GLN A 283 -7.54 0.87 6.09
N THR A 284 -6.73 -0.13 6.45
CA THR A 284 -7.13 -1.18 7.37
C THR A 284 -6.63 -0.78 8.80
N LYS A 285 -7.46 -1.09 9.81
CA LYS A 285 -7.18 -0.86 11.22
C LYS A 285 -7.45 -2.16 11.96
N ILE A 286 -6.55 -2.57 12.85
CA ILE A 286 -6.67 -3.82 13.59
C ILE A 286 -6.60 -3.48 15.08
N GLY A 287 -7.63 -3.87 15.86
CA GLY A 287 -7.71 -3.59 17.29
C GLY A 287 -6.88 -4.55 18.17
N ALA A 288 -6.74 -4.13 19.42
CA ALA A 288 -5.85 -4.72 20.41
C ALA A 288 -6.12 -6.22 20.56
N GLU A 289 -5.06 -7.04 20.68
CA GLU A 289 -5.17 -8.49 20.96
C GLU A 289 -5.80 -9.30 19.82
N THR A 290 -6.12 -8.66 18.71
CA THR A 290 -6.61 -9.40 17.55
C THR A 290 -5.50 -10.40 16.99
N VAL A 291 -5.93 -11.63 16.67
CA VAL A 291 -5.09 -12.64 16.11
C VAL A 291 -5.40 -12.75 14.62
N LEU A 292 -4.38 -12.65 13.73
CA LEU A 292 -4.53 -12.82 12.26
C LEU A 292 -3.67 -14.02 11.87
N THR A 293 -4.30 -15.05 11.30
CA THR A 293 -3.57 -16.25 10.99
C THR A 293 -3.15 -16.35 9.47
N ASN A 294 -2.16 -17.20 9.23
CA ASN A 294 -1.54 -17.30 7.96
C ASN A 294 -2.58 -17.36 6.77
N GLY A 295 -2.43 -16.53 5.71
CA GLY A 295 -3.39 -16.49 4.59
C GLY A 295 -4.45 -15.40 4.69
N THR A 296 -4.59 -14.78 5.89
CA THR A 296 -5.58 -13.75 6.07
C THR A 296 -5.25 -12.54 5.12
N TYR A 297 -6.30 -11.96 4.54
CA TYR A 297 -6.16 -10.89 3.53
C TYR A 297 -7.25 -9.85 3.83
N VAL A 298 -6.86 -8.65 4.33
CA VAL A 298 -7.81 -7.60 4.73
C VAL A 298 -7.49 -6.37 3.89
N VAL A 299 -8.49 -5.88 3.13
CA VAL A 299 -8.35 -4.65 2.34
C VAL A 299 -9.41 -3.63 2.89
N ASP A 300 -8.97 -2.40 3.14
CA ASP A 300 -9.83 -1.31 3.58
C ASP A 300 -10.89 -1.70 4.63
N SER A 301 -10.55 -2.36 5.72
CA SER A 301 -11.52 -2.80 6.67
C SER A 301 -11.03 -2.42 8.10
N THR A 302 -11.98 -2.26 9.04
CA THR A 302 -11.70 -2.07 10.44
C THR A 302 -12.06 -3.37 11.17
N ILE A 303 -11.09 -3.95 11.88
CA ILE A 303 -11.31 -5.13 12.66
C ILE A 303 -11.18 -4.66 14.12
N GLY A 304 -12.13 -5.04 14.99
CA GLY A 304 -12.08 -4.56 16.38
C GLY A 304 -11.05 -5.37 17.21
N ALA A 305 -11.21 -5.30 18.54
CA ALA A 305 -10.25 -5.82 19.47
C ALA A 305 -10.69 -7.26 19.76
N GLY A 306 -9.74 -8.16 20.08
CA GLY A 306 -10.04 -9.55 20.54
C GLY A 306 -10.67 -10.41 19.46
N ALA A 307 -10.54 -10.03 18.17
CA ALA A 307 -11.10 -10.87 17.13
C ALA A 307 -10.05 -11.99 16.72
N VAL A 308 -10.48 -13.02 15.97
CA VAL A 308 -9.59 -14.00 15.41
C VAL A 308 -10.01 -14.18 13.91
N ILE A 309 -9.19 -13.66 12.98
CA ILE A 309 -9.40 -13.86 11.56
C ILE A 309 -8.47 -15.03 11.15
N THR A 310 -9.04 -16.19 10.90
CA THR A 310 -8.25 -17.38 10.46
C THR A 310 -8.38 -17.49 8.92
N ASN A 311 -7.28 -17.28 8.21
CA ASN A 311 -7.23 -17.60 6.81
C ASN A 311 -8.50 -17.17 6.06
N SER A 312 -8.74 -15.86 6.03
CA SER A 312 -9.94 -15.39 5.41
C SER A 312 -9.71 -13.99 4.81
N MET A 313 -10.56 -13.62 3.82
CA MET A 313 -10.39 -12.46 3.00
C MET A 313 -11.54 -11.45 3.34
N ILE A 314 -11.20 -10.21 3.73
CA ILE A 314 -12.21 -9.27 4.23
C ILE A 314 -11.95 -7.98 3.46
N GLU A 315 -13.00 -7.49 2.78
CA GLU A 315 -12.84 -6.39 1.87
C GLU A 315 -13.85 -5.32 2.28
N GLU A 316 -13.37 -4.09 2.47
CA GLU A 316 -14.21 -2.90 2.61
C GLU A 316 -15.37 -3.17 3.65
N SER A 317 -14.97 -3.75 4.77
CA SER A 317 -16.01 -4.10 5.70
C SER A 317 -15.65 -3.67 7.10
N SER A 318 -16.61 -3.79 8.04
CA SER A 318 -16.30 -3.52 9.40
C SER A 318 -16.62 -4.75 10.29
N VAL A 319 -15.74 -5.00 11.23
CA VAL A 319 -15.80 -6.20 12.01
C VAL A 319 -15.61 -5.73 13.46
N ALA A 320 -16.59 -6.01 14.32
CA ALA A 320 -16.60 -5.55 15.72
C ALA A 320 -15.66 -6.42 16.64
N ASP A 321 -15.54 -6.07 17.92
CA ASP A 321 -14.77 -6.85 18.92
C ASP A 321 -15.20 -8.30 18.98
N GLY A 322 -14.26 -9.21 19.28
CA GLY A 322 -14.62 -10.56 19.60
C GLY A 322 -15.08 -11.39 18.39
N VAL A 323 -15.06 -10.83 17.17
CA VAL A 323 -15.59 -11.64 16.06
C VAL A 323 -14.58 -12.79 15.66
N THR A 324 -15.08 -13.99 15.38
CA THR A 324 -14.25 -15.01 14.85
C THR A 324 -14.71 -15.22 13.37
N VAL A 325 -13.73 -15.27 12.46
CA VAL A 325 -13.97 -15.48 11.02
C VAL A 325 -13.01 -16.55 10.48
N GLY A 326 -13.56 -17.57 9.81
CA GLY A 326 -12.71 -18.56 9.15
C GLY A 326 -12.68 -19.97 9.77
N PRO A 327 -11.82 -20.89 9.21
CA PRO A 327 -10.92 -20.62 8.06
C PRO A 327 -11.70 -20.59 6.71
N TYR A 328 -11.12 -20.06 5.70
CA TYR A 328 -11.74 -20.05 4.36
C TYR A 328 -13.12 -19.34 4.27
N ALA A 329 -13.23 -18.13 4.86
CA ALA A 329 -14.42 -17.35 4.66
C ALA A 329 -14.06 -16.10 3.83
N HIS A 330 -15.12 -15.53 3.22
CA HIS A 330 -14.99 -14.35 2.37
C HIS A 330 -16.04 -13.26 2.84
N ILE A 331 -15.56 -12.17 3.47
CA ILE A 331 -16.38 -10.98 3.85
C ILE A 331 -16.14 -9.94 2.74
N ARG A 332 -17.15 -9.75 1.87
CA ARG A 332 -17.05 -8.95 0.65
C ARG A 332 -17.54 -7.52 0.92
N PRO A 333 -17.39 -6.58 -0.07
CA PRO A 333 -17.60 -5.15 0.33
C PRO A 333 -18.95 -4.75 1.05
N ASN A 334 -18.88 -3.72 1.91
CA ASN A 334 -20.05 -3.16 2.65
C ASN A 334 -20.80 -4.12 3.61
N SER A 335 -20.07 -5.07 4.25
CA SER A 335 -20.63 -5.92 5.28
C SER A 335 -20.25 -5.33 6.65
N SER A 336 -21.06 -5.61 7.68
CA SER A 336 -20.73 -5.32 9.08
C SER A 336 -21.02 -6.59 9.86
N LEU A 337 -20.05 -6.98 10.70
CA LEU A 337 -20.16 -8.18 11.51
C LEU A 337 -20.21 -7.50 12.91
N GLY A 338 -21.35 -7.63 13.63
CA GLY A 338 -21.44 -7.08 14.99
C GLY A 338 -20.60 -7.93 15.99
N ALA A 339 -20.60 -7.49 17.26
CA ALA A 339 -19.74 -8.08 18.32
C ALA A 339 -19.99 -9.56 18.50
N GLN A 340 -18.93 -10.41 18.50
CA GLN A 340 -19.04 -11.83 18.84
C GLN A 340 -19.74 -12.67 17.74
N VAL A 341 -19.99 -12.06 16.58
CA VAL A 341 -20.42 -12.82 15.40
C VAL A 341 -19.35 -13.93 15.11
N HIS A 342 -19.84 -15.15 14.80
CA HIS A 342 -19.01 -16.21 14.26
C HIS A 342 -19.39 -16.40 12.82
N ILE A 343 -18.39 -16.31 11.94
CA ILE A 343 -18.47 -16.70 10.56
C ILE A 343 -17.46 -17.89 10.33
N GLY A 344 -17.92 -19.09 9.91
CA GLY A 344 -17.10 -20.29 9.91
C GLY A 344 -16.52 -20.56 8.53
N ASN A 345 -16.25 -21.82 8.22
CA ASN A 345 -15.56 -22.12 7.02
C ASN A 345 -16.56 -22.12 5.80
N PHE A 346 -16.11 -21.55 4.68
CA PHE A 346 -16.81 -21.63 3.33
C PHE A 346 -18.09 -20.83 3.40
N VAL A 347 -18.02 -19.67 4.08
CA VAL A 347 -19.13 -18.74 4.17
C VAL A 347 -18.70 -17.40 3.51
N GLU A 348 -19.58 -16.91 2.63
CA GLU A 348 -19.49 -15.64 2.02
C GLU A 348 -20.58 -14.65 2.68
N VAL A 349 -20.18 -13.44 3.08
CA VAL A 349 -21.12 -12.41 3.54
C VAL A 349 -20.82 -11.30 2.55
N LYS A 350 -21.89 -10.80 1.92
CA LYS A 350 -21.77 -9.77 0.90
C LYS A 350 -22.80 -8.65 1.24
N GLY A 351 -22.33 -7.43 1.47
CA GLY A 351 -23.25 -6.30 1.54
C GLY A 351 -24.32 -6.48 2.59
N SER A 352 -23.96 -7.08 3.73
CA SER A 352 -24.99 -7.43 4.70
C SER A 352 -24.50 -6.93 6.07
N SER A 353 -25.45 -6.62 6.94
CA SER A 353 -25.13 -6.27 8.32
C SER A 353 -25.61 -7.47 9.19
N ILE A 354 -24.73 -7.90 10.07
CA ILE A 354 -24.99 -9.15 10.85
C ILE A 354 -24.94 -8.67 12.28
N GLY A 355 -26.08 -8.78 12.97
CA GLY A 355 -26.23 -8.41 14.39
C GLY A 355 -25.41 -9.28 15.32
N GLU A 356 -25.17 -8.73 16.49
CA GLU A 356 -24.23 -9.27 17.47
C GLU A 356 -24.58 -10.75 17.84
N ASN A 357 -23.55 -11.62 18.00
CA ASN A 357 -23.71 -13.01 18.52
C ASN A 357 -24.32 -13.98 17.51
N THR A 358 -24.67 -13.47 16.32
CA THR A 358 -25.14 -14.32 15.24
C THR A 358 -24.02 -15.31 14.67
N LYS A 359 -24.46 -16.44 14.15
CA LYS A 359 -23.53 -17.48 13.81
C LYS A 359 -23.90 -17.98 12.41
N ALA A 360 -22.90 -17.99 11.53
CA ALA A 360 -22.97 -18.80 10.34
C ALA A 360 -21.68 -19.61 10.19
N GLY A 361 -21.70 -20.88 10.66
CA GLY A 361 -20.49 -21.69 10.70
C GLY A 361 -20.03 -22.46 9.48
N HIS A 362 -20.89 -22.55 8.46
CA HIS A 362 -20.63 -23.42 7.35
C HIS A 362 -21.42 -23.20 6.09
N LEU A 363 -20.68 -23.12 5.00
CA LEU A 363 -21.17 -23.43 3.68
C LEU A 363 -22.40 -22.54 3.37
N THR A 364 -22.30 -21.27 3.64
CA THR A 364 -23.50 -20.44 3.59
C THR A 364 -23.17 -19.21 2.78
N TYR A 365 -24.17 -18.68 2.06
CA TYR A 365 -24.03 -17.37 1.42
C TYR A 365 -25.10 -16.41 2.02
N ILE A 366 -24.66 -15.31 2.63
CA ILE A 366 -25.52 -14.23 3.05
C ILE A 366 -25.29 -12.98 2.19
N GLY A 367 -26.22 -12.67 1.29
CA GLY A 367 -26.01 -11.62 0.24
C GLY A 367 -27.12 -10.56 0.48
N ASN A 368 -26.78 -9.26 0.60
CA ASN A 368 -27.79 -8.17 0.67
C ASN A 368 -28.85 -8.40 1.80
N CYS A 369 -28.41 -8.80 3.00
CA CYS A 369 -29.35 -9.04 4.12
C CYS A 369 -29.09 -8.07 5.24
N GLU A 370 -30.17 -7.74 5.94
CA GLU A 370 -30.13 -7.09 7.24
C GLU A 370 -30.56 -8.15 8.30
N VAL A 371 -29.61 -8.56 9.15
CA VAL A 371 -29.73 -9.69 10.10
C VAL A 371 -29.60 -9.14 11.53
N GLY A 372 -30.59 -9.48 12.37
CA GLY A 372 -30.59 -9.20 13.82
C GLY A 372 -29.53 -9.97 14.60
N SER A 373 -29.69 -9.97 15.93
CA SER A 373 -28.72 -10.53 16.87
C SER A 373 -29.15 -11.99 17.24
N ASN A 374 -28.20 -12.85 17.63
CA ASN A 374 -28.54 -14.19 18.07
C ASN A 374 -29.25 -15.07 16.97
N VAL A 375 -29.02 -14.76 15.70
CA VAL A 375 -29.46 -15.60 14.58
C VAL A 375 -28.49 -16.79 14.39
N ASN A 376 -29.04 -17.97 14.05
CA ASN A 376 -28.26 -19.17 13.67
C ASN A 376 -28.64 -19.48 12.22
N PHE A 377 -27.61 -19.65 11.38
CA PHE A 377 -27.72 -20.14 10.00
C PHE A 377 -27.14 -21.55 9.98
N GLY A 378 -27.94 -22.57 9.67
CA GLY A 378 -27.45 -23.95 9.65
C GLY A 378 -26.55 -24.00 8.42
N ALA A 379 -25.67 -24.96 8.37
CA ALA A 379 -24.84 -25.17 7.18
C ALA A 379 -25.63 -25.30 5.91
N GLY A 380 -25.05 -24.81 4.80
CA GLY A 380 -25.69 -24.94 3.52
C GLY A 380 -26.82 -23.93 3.24
N THR A 381 -27.01 -23.00 4.16
CA THR A 381 -28.02 -21.93 3.97
C THR A 381 -27.63 -20.95 2.85
N ILE A 382 -28.57 -20.67 1.93
CA ILE A 382 -28.34 -19.75 0.77
C ILE A 382 -29.36 -18.63 0.72
N THR A 383 -28.89 -17.40 0.64
CA THR A 383 -29.87 -16.33 0.48
C THR A 383 -29.85 -16.11 -1.04
N VAL A 384 -31.00 -15.78 -1.67
CA VAL A 384 -31.16 -15.63 -3.10
C VAL A 384 -31.70 -14.23 -3.32
N ASN A 385 -30.89 -13.41 -3.98
CA ASN A 385 -31.09 -11.99 -3.90
C ASN A 385 -31.22 -11.42 -5.33
N TYR A 386 -30.77 -12.14 -6.34
CA TYR A 386 -30.67 -11.58 -7.68
C TYR A 386 -31.40 -12.46 -8.72
N ASP A 387 -32.39 -11.85 -9.40
CA ASP A 387 -33.20 -12.65 -10.33
C ASP A 387 -32.78 -12.60 -11.81
N GLY A 388 -31.61 -12.10 -12.13
CA GLY A 388 -31.29 -11.79 -13.52
C GLY A 388 -31.34 -10.28 -13.79
N LYS A 389 -32.16 -9.52 -13.03
CA LYS A 389 -32.22 -8.06 -13.23
C LYS A 389 -32.35 -7.27 -11.93
N ASN A 390 -33.33 -7.57 -11.10
CA ASN A 390 -33.46 -6.90 -9.82
C ASN A 390 -32.57 -7.60 -8.71
N LYS A 391 -32.08 -6.82 -7.77
CA LYS A 391 -31.44 -7.29 -6.56
C LYS A 391 -32.40 -6.93 -5.44
N TYR A 392 -32.75 -7.92 -4.64
CA TYR A 392 -33.66 -7.75 -3.54
C TYR A 392 -32.99 -7.86 -2.17
N LYS A 393 -33.67 -7.31 -1.18
CA LYS A 393 -33.19 -7.32 0.17
C LYS A 393 -33.98 -8.34 1.03
N THR A 394 -33.29 -9.05 1.92
CA THR A 394 -33.96 -9.90 2.90
C THR A 394 -33.73 -9.25 4.22
N VAL A 395 -34.76 -9.34 5.08
CA VAL A 395 -34.75 -8.81 6.40
C VAL A 395 -34.95 -10.00 7.33
N ILE A 396 -33.97 -10.29 8.18
CA ILE A 396 -34.06 -11.41 9.16
C ILE A 396 -33.99 -10.84 10.57
N GLY A 397 -35.03 -11.04 11.41
CA GLY A 397 -35.16 -10.34 12.71
C GLY A 397 -34.23 -10.97 13.75
N ASP A 398 -34.33 -10.59 15.04
CA ASP A 398 -33.51 -11.29 16.11
C ASP A 398 -33.87 -12.74 16.43
N ASN A 399 -32.85 -13.59 16.67
CA ASN A 399 -33.09 -14.94 17.20
C ASN A 399 -33.79 -15.87 16.24
N VAL A 400 -33.78 -15.53 14.96
CA VAL A 400 -34.23 -16.43 13.88
C VAL A 400 -33.32 -17.64 13.76
N PHE A 401 -33.93 -18.79 13.50
CA PHE A 401 -33.25 -20.04 13.31
C PHE A 401 -33.48 -20.46 11.83
N VAL A 402 -32.49 -20.28 10.97
CA VAL A 402 -32.64 -20.65 9.55
C VAL A 402 -32.08 -22.06 9.40
N GLY A 403 -32.92 -23.08 9.21
CA GLY A 403 -32.41 -24.50 9.24
C GLY A 403 -31.44 -24.77 8.07
N SER A 404 -30.58 -25.77 8.26
CA SER A 404 -29.48 -26.09 7.38
C SER A 404 -30.05 -26.39 5.95
N ASN A 405 -29.30 -25.97 4.92
CA ASN A 405 -29.54 -26.22 3.53
C ASN A 405 -30.86 -25.66 3.06
N SER A 406 -31.30 -24.60 3.68
CA SER A 406 -32.51 -24.01 3.14
C SER A 406 -32.13 -22.85 2.13
N THR A 407 -33.14 -22.38 1.36
CA THR A 407 -32.99 -21.42 0.31
C THR A 407 -34.01 -20.26 0.58
N ILE A 408 -33.51 -19.05 0.92
CA ILE A 408 -34.32 -17.88 1.32
C ILE A 408 -34.42 -16.95 0.09
N ILE A 409 -35.56 -16.93 -0.61
CA ILE A 409 -35.64 -16.21 -1.87
C ILE A 409 -36.18 -14.79 -1.58
N ALA A 410 -35.32 -13.78 -1.70
CA ALA A 410 -35.69 -12.40 -1.45
C ALA A 410 -36.67 -11.85 -2.53
N PRO A 411 -37.50 -10.85 -2.18
CA PRO A 411 -37.58 -10.09 -0.97
C PRO A 411 -38.48 -10.90 -0.03
N VAL A 412 -37.99 -11.26 1.15
CA VAL A 412 -38.80 -11.92 2.19
C VAL A 412 -38.33 -11.35 3.48
N GLU A 413 -39.15 -11.60 4.48
CA GLU A 413 -38.78 -11.21 5.85
C GLU A 413 -39.01 -12.37 6.78
N LEU A 414 -38.01 -12.63 7.60
CA LEU A 414 -38.15 -13.66 8.64
C LEU A 414 -38.32 -12.82 9.92
N GLY A 415 -39.48 -12.95 10.61
CA GLY A 415 -39.77 -12.20 11.85
C GLY A 415 -38.99 -12.79 13.04
N ASP A 416 -38.82 -11.92 14.09
CA ASP A 416 -38.12 -12.29 15.33
C ASP A 416 -38.54 -13.67 15.77
N ASN A 417 -37.55 -14.51 16.04
CA ASN A 417 -37.75 -15.76 16.70
C ASN A 417 -38.33 -16.78 15.73
N SER A 418 -38.55 -16.41 14.45
CA SER A 418 -39.12 -17.42 13.53
C SER A 418 -38.10 -18.56 13.24
N LEU A 419 -38.59 -19.66 12.64
CA LEU A 419 -37.70 -20.73 12.25
C LEU A 419 -38.08 -21.21 10.86
N VAL A 420 -37.02 -21.52 10.07
CA VAL A 420 -37.15 -22.06 8.75
C VAL A 420 -36.68 -23.51 8.84
N GLY A 421 -37.51 -24.48 8.46
CA GLY A 421 -37.10 -25.90 8.42
C GLY A 421 -35.89 -26.22 7.60
N ALA A 422 -34.93 -27.00 8.14
CA ALA A 422 -33.79 -27.48 7.31
C ALA A 422 -34.32 -27.99 5.99
N GLY A 423 -33.58 -27.78 4.84
CA GLY A 423 -34.02 -28.19 3.52
C GLY A 423 -35.14 -27.42 2.82
N SER A 424 -35.66 -26.36 3.45
CA SER A 424 -36.81 -25.65 2.85
C SER A 424 -36.46 -24.62 1.79
N THR A 425 -37.38 -24.42 0.87
CA THR A 425 -37.23 -23.27 0.01
C THR A 425 -38.26 -22.27 0.51
N ILE A 426 -37.84 -21.04 0.72
CA ILE A 426 -38.74 -20.08 1.37
C ILE A 426 -38.98 -18.99 0.34
N THR A 427 -40.26 -18.76 0.02
CA THR A 427 -40.58 -17.74 -0.97
C THR A 427 -41.56 -16.71 -0.37
N LYS A 428 -42.05 -16.88 0.84
CA LYS A 428 -42.93 -15.81 1.42
C LYS A 428 -42.51 -15.51 2.86
N ASP A 429 -42.99 -14.40 3.43
CA ASP A 429 -42.59 -13.98 4.75
C ASP A 429 -42.99 -15.02 5.75
N VAL A 430 -42.20 -15.04 6.82
CA VAL A 430 -42.48 -15.90 7.98
C VAL A 430 -42.70 -14.94 9.15
N PRO A 431 -43.91 -14.90 9.72
CA PRO A 431 -44.10 -13.94 10.86
C PRO A 431 -43.22 -14.25 12.11
N ALA A 432 -43.01 -13.24 12.98
CA ALA A 432 -42.43 -13.46 14.27
C ALA A 432 -43.12 -14.65 14.95
N ASP A 433 -42.28 -15.49 15.56
CA ASP A 433 -42.71 -16.68 16.33
C ASP A 433 -43.31 -17.84 15.50
N ALA A 434 -43.35 -17.68 14.18
CA ALA A 434 -43.85 -18.77 13.31
C ALA A 434 -42.74 -19.79 12.79
N ILE A 435 -43.13 -20.98 12.39
CA ILE A 435 -42.17 -21.74 11.62
C ILE A 435 -42.65 -21.81 10.20
N ALA A 436 -41.74 -22.10 9.29
CA ALA A 436 -42.07 -22.26 7.88
C ALA A 436 -41.31 -23.52 7.39
N ILE A 437 -42.03 -24.41 6.71
CA ILE A 437 -41.46 -25.66 6.21
C ILE A 437 -41.85 -25.77 4.76
N GLY A 438 -40.86 -25.94 3.88
CA GLY A 438 -41.10 -26.05 2.45
C GLY A 438 -40.16 -27.07 1.85
N ARG A 439 -40.48 -28.34 2.10
CA ARG A 439 -39.67 -29.45 1.74
C ARG A 439 -40.49 -30.73 1.50
N GLY A 440 -39.89 -31.72 0.85
CA GLY A 440 -40.61 -32.94 0.53
C GLY A 440 -40.43 -34.02 1.56
N ARG A 441 -41.38 -34.90 1.62
CA ARG A 441 -41.52 -35.77 2.72
C ARG A 441 -40.74 -37.09 2.44
N GLN A 442 -39.93 -37.57 3.40
CA GLN A 442 -39.16 -38.80 3.22
C GLN A 442 -40.05 -40.01 2.96
N ILE A 443 -39.77 -40.80 1.93
CA ILE A 443 -40.47 -42.07 1.64
C ILE A 443 -39.37 -43.16 1.51
N ASN A 444 -39.44 -44.20 2.31
CA ASN A 444 -38.43 -45.25 2.29
C ASN A 444 -38.95 -46.36 1.42
N LYS A 445 -38.09 -47.06 0.72
CA LYS A 445 -38.53 -48.20 -0.08
C LYS A 445 -37.55 -49.28 0.28
N ASP A 446 -38.01 -50.25 1.08
CA ASP A 446 -37.15 -51.32 1.58
C ASP A 446 -36.57 -52.14 0.45
N GLU A 447 -35.33 -52.60 0.62
CA GLU A 447 -34.64 -53.57 -0.31
C GLU A 447 -34.19 -53.04 -1.60
N TYR A 448 -34.68 -51.86 -2.01
CA TYR A 448 -34.46 -51.39 -3.39
C TYR A 448 -32.97 -51.05 -3.60
N ALA A 449 -32.21 -50.75 -2.52
CA ALA A 449 -30.79 -50.43 -2.78
C ALA A 449 -29.99 -51.56 -3.42
N THR A 450 -30.47 -52.77 -3.22
CA THR A 450 -29.97 -53.96 -3.81
C THR A 450 -29.82 -53.85 -5.35
N ARG A 451 -30.70 -53.07 -5.99
CA ARG A 451 -30.50 -53.03 -7.42
C ARG A 451 -29.73 -51.83 -7.94
N LEU A 452 -29.08 -51.07 -7.03
CA LEU A 452 -28.34 -49.90 -7.47
C LEU A 452 -26.86 -50.20 -7.49
N PRO A 453 -26.12 -49.46 -8.31
CA PRO A 453 -24.71 -49.53 -8.57
C PRO A 453 -23.79 -49.48 -7.39
N HIS A 454 -24.12 -48.71 -6.32
CA HIS A 454 -23.21 -48.56 -5.18
C HIS A 454 -23.19 -49.79 -4.32
N HIS A 455 -24.17 -50.65 -4.47
CA HIS A 455 -24.40 -51.72 -3.48
C HIS A 455 -23.26 -52.73 -3.51
N PRO A 456 -22.78 -53.15 -2.34
CA PRO A 456 -21.63 -54.07 -2.43
C PRO A 456 -21.86 -55.31 -3.32
N LYS A 457 -23.08 -55.81 -3.45
CA LYS A 457 -23.29 -57.01 -4.29
C LYS A 457 -23.05 -56.76 -5.80
N ASN A 458 -23.22 -55.52 -6.22
CA ASN A 458 -23.22 -55.15 -7.62
C ASN A 458 -21.84 -54.69 -8.00
N GLN A 459 -20.88 -55.04 -7.15
CA GLN A 459 -19.48 -54.60 -7.33
C GLN A 459 -18.57 -55.66 -7.96
C1 R84 B . -34.69 -13.16 -6.34
O2 R84 B . -33.88 -13.97 -7.15
C3 R84 B . -34.58 -15.11 -7.53
C4 R84 B . -35.98 -15.20 -7.35
C5 R84 B . -36.61 -16.38 -7.74
O6 R84 B . -37.97 -16.54 -7.61
C7 R84 B . -38.63 -15.24 -7.33
C8 R84 B . -35.88 -17.46 -8.27
C9 R84 B . -34.52 -17.32 -8.47
C10 R84 B . -33.86 -16.19 -8.06
N11 R84 B . -32.47 -16.08 -8.26
C12 R84 B . -31.50 -17.12 -8.29
O13 R84 B . -31.78 -18.27 -8.08
C14 R84 B . -30.08 -16.85 -8.61
C15 R84 B . -29.40 -16.16 -7.43
C16 R84 B . -27.94 -15.94 -7.79
O17 R84 B . -27.12 -15.93 -6.85
O18 R84 B . -27.62 -15.83 -9.14
S19 R84 B . -36.75 -18.93 -8.79
O20 R84 B . -35.62 -19.56 -9.38
O21 R84 B . -37.57 -19.35 -7.69
N22 R84 B . -37.84 -18.41 -10.02
C23 R84 B . -37.58 -17.61 -11.29
C24 R84 B . -38.16 -16.17 -11.28
C25 R84 B . -37.39 -15.04 -11.60
C26 R84 B . -37.90 -13.75 -11.57
C27 R84 B . -39.23 -13.48 -11.21
C28 R84 B . -40.00 -14.59 -10.93
C29 R84 B . -39.46 -15.92 -10.96
N30 R84 B . -40.24 -16.99 -10.66
C31 R84 B . -41.53 -16.54 -10.19
C32 R84 B . -42.10 -17.75 -9.45
C33 R84 B . -42.13 -19.01 -10.34
C34 R84 B . -43.56 -19.33 -10.72
O35 R84 B . -43.66 -20.80 -10.84
C36 R84 B . -44.44 -21.38 -11.79
O37 R84 B . -44.55 -20.90 -12.92
C38 R84 B . -45.19 -22.65 -11.40
C39 R84 B . -46.08 -23.12 -12.58
C40 R84 B . -47.38 -22.36 -12.79
O41 R84 B . -48.02 -22.52 -13.81
O42 R84 B . -47.87 -21.51 -11.87
C43 R84 B . -41.17 -19.05 -11.52
C44 R84 B . -40.51 -17.74 -11.91
S SO4 C . -31.84 -28.45 -1.15
O1 SO4 C . -31.90 -29.92 -1.30
O2 SO4 C . -32.62 -28.05 0.05
O3 SO4 C . -32.43 -27.82 -2.35
O4 SO4 C . -30.42 -28.02 -1.01
#